data_8VBO
#
_entry.id   8VBO
#
_cell.length_a   70.107
_cell.length_b   150.891
_cell.length_c   51.318
_cell.angle_alpha   90.000
_cell.angle_beta   90.000
_cell.angle_gamma   90.000
#
_symmetry.space_group_name_H-M   'P 21 21 2'
#
loop_
_entity.id
_entity.type
_entity.pdbx_description
1 polymer 'Bovine Fab ElsE9 light chain'
2 polymer 'Bovine Fab ElsE9 heavy chain'
3 non-polymer GLYCEROL
4 non-polymer 'SULFATE ION'
5 water water
#
loop_
_entity_poly.entity_id
_entity_poly.type
_entity_poly.pdbx_seq_one_letter_code
_entity_poly.pdbx_strand_id
1 'polypeptide(L)'
;QAVLNQPSSVSGSLGQRVSITCSGSSSNVGNGYVSWYQLIPGSAPRTLIYGDTSRASGVPDRFSGSRSGNTATLTISSLQ
AEDEADYFCASAEDSSSNAVFGSGTTLTVLGQPKAAPSVTLFPPSSEELQANKATLVCLISDFYPGAVTVAWKADSSPVK
AGVETTTPSKQSNNKYAASSYLSLTPEQWKSHRSYSCQVTHEGSTVEKTVAPTECS
;
L
2 'polypeptide(L)'
;KVQLRESGPSLVKPSQTLSLTCTTSGFSFSDKTVGWVRQAPGKALEWLGSIDTSGTTGYNPGLKSRLSITRDDSKSQVSL
SLSSVTTADLATYYCTTVRQQVHKTCPQGWRFGWDCGFHGYGSDDCYEDCIDILSSQTLSAEDTYELHVDAWGQGLLVTV
SSASTKGPSVFPLAPSSKSTSGGTAALGCLVKDYFPEPVTVSWNSGALTSGVHTFPAVLQSSGLYSLSSVVTVPSSSLGT
QTYICNVNHKPSNTKVDKKVEPKSC
;
H
#
loop_
_chem_comp.id
_chem_comp.type
_chem_comp.name
_chem_comp.formula
GOL non-polymer GLYCEROL 'C3 H8 O3'
SO4 non-polymer 'SULFATE ION' 'O4 S -2'
#
# COMPACT_ATOMS: atom_id res chain seq x y z
N GLN A 1 14.68 19.16 3.99
CA GLN A 1 13.74 19.31 2.83
C GLN A 1 14.46 19.08 1.50
N ALA A 2 15.34 18.10 1.48
CA ALA A 2 16.02 17.74 0.24
C ALA A 2 15.01 17.17 -0.76
N VAL A 3 15.19 17.55 -2.03
CA VAL A 3 14.22 17.23 -3.08
C VAL A 3 14.82 16.13 -3.95
N LEU A 4 14.27 14.92 -3.83
CA LEU A 4 14.63 13.80 -4.69
C LEU A 4 13.48 13.62 -5.68
N ASN A 5 13.73 13.95 -6.94
CA ASN A 5 12.69 13.96 -7.98
C ASN A 5 12.79 12.71 -8.83
N GLN A 6 11.65 12.04 -8.99
CA GLN A 6 11.53 10.85 -9.83
C GLN A 6 10.47 11.08 -10.90
N PRO A 7 10.58 10.41 -12.05
CA PRO A 7 9.49 10.45 -13.03
C PRO A 7 8.24 9.79 -12.45
N SER A 8 7.12 10.51 -12.50
CA SER A 8 5.91 10.01 -11.87
C SER A 8 5.48 8.67 -12.48
N SER A 9 5.71 8.47 -13.77
CA SER A 9 5.34 7.23 -14.43
C SER A 9 6.44 6.79 -15.38
N VAL A 10 6.78 5.51 -15.33
CA VAL A 10 7.72 4.90 -16.26
C VAL A 10 7.14 3.58 -16.72
N SER A 11 7.42 3.21 -17.97
CA SER A 11 6.87 2.00 -18.56
C SER A 11 7.98 1.22 -19.26
N GLY A 12 7.92 -0.11 -19.12
CA GLY A 12 8.81 -0.99 -19.83
C GLY A 12 8.05 -2.21 -20.31
N SER A 13 8.65 -2.91 -21.28
CA SER A 13 8.02 -4.08 -21.85
C SER A 13 8.44 -5.34 -21.10
N LEU A 14 7.50 -6.29 -21.01
CA LEU A 14 7.78 -7.55 -20.34
C LEU A 14 9.08 -8.16 -20.86
N GLY A 15 9.92 -8.62 -19.92
CA GLY A 15 11.18 -9.23 -20.26
C GLY A 15 12.30 -8.28 -20.58
N GLN A 16 12.00 -7.02 -20.87
CA GLN A 16 13.02 -6.04 -21.24
C GLN A 16 13.56 -5.38 -19.97
N ARG A 17 14.32 -4.29 -20.15
CA ARG A 17 14.91 -3.56 -19.05
C ARG A 17 14.27 -2.18 -18.93
N VAL A 18 14.25 -1.66 -17.71
CA VAL A 18 13.69 -0.34 -17.41
C VAL A 18 14.53 0.30 -16.32
N SER A 19 14.50 1.63 -16.28
CA SER A 19 15.27 2.40 -15.31
C SER A 19 14.39 3.47 -14.68
N ILE A 20 14.52 3.61 -13.36
CA ILE A 20 13.82 4.64 -12.59
C ILE A 20 14.89 5.56 -12.00
N THR A 21 14.85 6.83 -12.37
CA THR A 21 15.86 7.79 -11.98
C THR A 21 15.45 8.55 -10.72
N CYS A 22 16.46 8.99 -9.97
CA CYS A 22 16.25 9.72 -8.71
C CYS A 22 17.30 10.83 -8.69
N SER A 23 16.88 12.05 -9.03
CA SER A 23 17.78 13.18 -9.19
C SER A 23 17.64 14.16 -8.04
N GLY A 24 18.77 14.80 -7.68
CA GLY A 24 18.83 15.59 -6.46
C GLY A 24 18.47 17.05 -6.65
N SER A 25 18.39 17.76 -5.52
CA SER A 25 17.97 19.15 -5.49
C SER A 25 19.07 20.12 -5.86
N SER A 26 20.33 19.67 -5.90
CA SER A 26 21.49 20.50 -6.23
C SER A 26 22.16 21.02 -4.96
N VAL A 29 26.59 18.55 -4.74
CA VAL A 29 27.33 17.67 -3.85
C VAL A 29 26.39 16.63 -3.25
N GLY A 30 26.20 15.52 -3.96
CA GLY A 30 25.44 14.41 -3.44
C GLY A 30 26.13 13.80 -2.23
N ASN A 31 25.67 14.18 -1.05
CA ASN A 31 26.35 13.84 0.20
C ASN A 31 25.82 12.57 0.86
N GLY A 32 24.75 11.98 0.34
CA GLY A 32 24.16 10.80 0.94
C GLY A 32 23.95 9.70 -0.08
N TYR A 33 23.94 8.47 0.44
CA TYR A 33 23.70 7.30 -0.40
C TYR A 33 22.20 7.09 -0.60
N VAL A 34 21.85 6.42 -1.70
CA VAL A 34 20.47 6.24 -2.11
C VAL A 34 20.04 4.81 -1.85
N SER A 35 18.87 4.65 -1.25
CA SER A 35 18.18 3.38 -1.12
C SER A 35 16.88 3.43 -1.94
N TRP A 36 16.38 2.25 -2.30
CA TRP A 36 15.17 2.13 -3.10
C TRP A 36 14.18 1.21 -2.39
N TYR A 37 12.89 1.45 -2.62
CA TYR A 37 11.83 0.72 -1.94
C TYR A 37 10.69 0.44 -2.91
N GLN A 38 10.05 -0.71 -2.73
CA GLN A 38 8.97 -1.17 -3.58
C GLN A 38 7.68 -1.24 -2.76
N LEU A 39 6.64 -0.59 -3.24
CA LEU A 39 5.34 -0.55 -2.56
C LEU A 39 4.27 -1.13 -3.48
N ILE A 40 3.85 -2.35 -3.18
CA ILE A 40 2.73 -2.98 -3.88
C ILE A 40 1.51 -2.86 -3.00
N PRO A 41 0.42 -2.22 -3.47
CA PRO A 41 -0.74 -2.01 -2.60
C PRO A 41 -1.14 -3.28 -1.88
N GLY A 42 -1.66 -3.11 -0.67
CA GLY A 42 -2.01 -4.20 0.19
C GLY A 42 -0.85 -4.87 0.88
N SER A 43 0.39 -4.50 0.57
CA SER A 43 1.57 -5.02 1.21
C SER A 43 2.33 -3.90 1.88
N ALA A 44 3.20 -4.27 2.82
CA ALA A 44 4.09 -3.28 3.42
C ALA A 44 5.27 -3.03 2.49
N PRO A 45 5.89 -1.85 2.57
CA PRO A 45 7.00 -1.54 1.66
C PRO A 45 8.11 -2.57 1.78
N ARG A 46 8.87 -2.70 0.69
CA ARG A 46 9.93 -3.70 0.56
C ARG A 46 11.22 -3.02 0.15
N THR A 47 12.26 -3.19 0.95
CA THR A 47 13.56 -2.59 0.66
C THR A 47 14.25 -3.38 -0.44
N LEU A 48 14.59 -2.72 -1.54
CA LEU A 48 15.26 -3.34 -2.67
C LEU A 48 16.76 -3.08 -2.67
N ILE A 49 17.17 -1.82 -2.67
CA ILE A 49 18.56 -1.42 -2.80
C ILE A 49 18.92 -0.50 -1.66
N TYR A 50 20.15 -0.61 -1.16
CA TYR A 50 20.69 0.33 -0.20
C TYR A 50 22.14 0.62 -0.54
N GLY A 51 22.61 1.78 -0.10
CA GLY A 51 23.98 2.17 -0.40
C GLY A 51 24.25 2.30 -1.88
N ASP A 52 23.32 2.89 -2.63
CA ASP A 52 23.47 3.16 -4.06
C ASP A 52 23.41 1.92 -4.93
N THR A 53 24.07 0.83 -4.52
CA THR A 53 24.22 -0.32 -5.42
C THR A 53 24.09 -1.68 -4.76
N SER A 54 23.95 -1.77 -3.45
CA SER A 54 23.90 -3.05 -2.77
C SER A 54 22.47 -3.56 -2.68
N ARG A 55 22.27 -4.84 -3.01
CA ARG A 55 20.96 -5.45 -2.92
C ARG A 55 20.67 -5.88 -1.49
N ALA A 56 19.38 -5.87 -1.13
CA ALA A 56 18.94 -6.34 0.17
C ALA A 56 18.71 -7.85 0.12
N SER A 57 18.14 -8.40 1.19
CA SER A 57 17.90 -9.83 1.26
C SER A 57 16.69 -10.22 0.43
N GLY A 58 16.81 -11.32 -0.30
CA GLY A 58 15.71 -11.82 -1.10
C GLY A 58 15.37 -10.99 -2.32
N VAL A 59 16.25 -10.08 -2.74
CA VAL A 59 16.03 -9.26 -3.91
C VAL A 59 16.66 -9.95 -5.11
N PRO A 60 15.89 -10.31 -6.16
CA PRO A 60 16.49 -10.94 -7.33
C PRO A 60 17.65 -10.16 -7.90
N ASP A 61 18.38 -10.76 -8.85
CA ASP A 61 19.55 -10.11 -9.43
C ASP A 61 19.18 -9.09 -10.51
N ARG A 62 17.97 -9.13 -11.04
CA ARG A 62 17.59 -8.17 -12.07
C ARG A 62 17.44 -6.76 -11.51
N PHE A 63 17.21 -6.62 -10.21
CA PHE A 63 17.21 -5.31 -9.56
C PHE A 63 18.66 -4.87 -9.35
N SER A 64 19.03 -3.73 -9.93
CA SER A 64 20.38 -3.20 -9.81
C SER A 64 20.32 -1.69 -9.65
N GLY A 65 21.23 -1.15 -8.86
CA GLY A 65 21.32 0.28 -8.64
C GLY A 65 22.63 0.84 -9.15
N SER A 66 22.62 2.13 -9.48
CA SER A 66 23.81 2.82 -9.96
C SER A 66 23.66 4.31 -9.67
N ARG A 67 24.77 5.02 -9.81
CA ARG A 67 24.80 6.46 -9.53
C ARG A 67 25.65 7.18 -10.56
N SER A 68 25.32 8.46 -10.78
CA SER A 68 26.07 9.32 -11.68
C SER A 68 25.94 10.77 -11.18
N GLY A 69 26.57 11.04 -10.03
CA GLY A 69 26.59 12.37 -9.47
C GLY A 69 25.23 13.04 -9.36
N ASN A 70 24.61 12.93 -8.18
CA ASN A 70 23.31 13.50 -7.88
C ASN A 70 22.17 12.84 -8.64
N THR A 71 22.41 11.72 -9.32
CA THR A 71 21.37 10.99 -10.02
C THR A 71 21.57 9.50 -9.77
N ALA A 72 20.69 8.90 -8.98
CA ALA A 72 20.70 7.46 -8.74
C ALA A 72 19.66 6.80 -9.63
N THR A 73 19.97 5.60 -10.11
CA THR A 73 19.10 4.89 -11.05
C THR A 73 18.86 3.48 -10.54
N LEU A 74 17.59 3.08 -10.47
CA LEU A 74 17.20 1.71 -10.23
C LEU A 74 16.87 1.07 -11.58
N THR A 75 17.55 -0.02 -11.90
CA THR A 75 17.36 -0.73 -13.16
C THR A 75 16.81 -2.12 -12.88
N ILE A 76 15.74 -2.48 -13.58
CA ILE A 76 15.15 -3.81 -13.53
C ILE A 76 15.42 -4.46 -14.87
N SER A 77 16.37 -5.40 -14.90
CA SER A 77 16.90 -5.87 -16.18
C SER A 77 15.89 -6.72 -16.94
N SER A 78 15.16 -7.60 -16.24
CA SER A 78 14.22 -8.51 -16.88
C SER A 78 12.84 -8.26 -16.25
N LEU A 79 12.10 -7.34 -16.85
CA LEU A 79 10.85 -6.88 -16.26
C LEU A 79 9.83 -8.01 -16.18
N GLN A 80 9.19 -8.13 -15.02
CA GLN A 80 8.13 -9.10 -14.80
C GLN A 80 6.83 -8.37 -14.45
N ALA A 81 5.71 -9.08 -14.60
CA ALA A 81 4.42 -8.46 -14.34
C ALA A 81 4.24 -8.11 -12.86
N GLU A 82 4.81 -8.92 -11.97
CA GLU A 82 4.74 -8.64 -10.54
C GLU A 82 5.55 -7.41 -10.14
N ASP A 83 6.29 -6.81 -11.07
CA ASP A 83 7.08 -5.62 -10.77
C ASP A 83 6.27 -4.33 -10.89
N GLU A 84 5.14 -4.35 -11.60
CA GLU A 84 4.25 -3.20 -11.61
C GLU A 84 3.98 -2.77 -10.17
N ALA A 85 4.49 -1.61 -9.78
CA ALA A 85 4.40 -1.18 -8.38
C ALA A 85 4.82 0.28 -8.32
N ASP A 86 4.83 0.83 -7.10
CA ASP A 86 5.35 2.15 -6.83
C ASP A 86 6.74 2.01 -6.22
N TYR A 87 7.69 2.79 -6.73
CA TYR A 87 9.08 2.73 -6.28
C TYR A 87 9.49 4.09 -5.73
N PHE A 88 10.17 4.07 -4.59
CA PHE A 88 10.63 5.29 -3.92
C PHE A 88 12.11 5.20 -3.63
N CYS A 89 12.86 6.20 -4.05
CA CYS A 89 14.23 6.36 -3.60
C CYS A 89 14.25 7.14 -2.29
N ALA A 90 15.42 7.22 -1.68
CA ALA A 90 15.56 7.91 -0.40
C ALA A 90 17.04 8.12 -0.12
N SER A 91 17.31 9.11 0.73
CA SER A 91 18.68 9.41 1.14
C SER A 91 18.67 10.28 2.38
N ALA A 92 19.66 10.09 3.23
CA ALA A 92 19.93 10.96 4.36
C ALA A 92 21.03 11.93 3.98
N GLU A 93 20.77 13.23 4.18
CA GLU A 93 21.66 14.28 3.69
C GLU A 93 22.52 14.90 4.79
N ASP A 94 22.69 14.22 5.92
CA ASP A 94 23.42 14.81 7.03
C ASP A 94 23.54 13.80 8.16
N SER A 95 24.32 14.16 9.18
CA SER A 95 24.43 13.33 10.38
C SER A 95 23.10 13.18 11.09
N SER A 96 22.12 14.01 10.78
CA SER A 96 20.77 13.84 11.30
C SER A 96 20.32 12.40 11.09
N SER A 97 19.64 11.85 12.09
CA SER A 97 19.02 10.53 11.96
C SER A 97 17.75 10.57 11.11
N ASN A 98 17.77 11.35 10.03
CA ASN A 98 16.59 11.59 9.21
C ASN A 98 16.92 11.30 7.75
N ALA A 99 15.90 10.88 7.01
CA ALA A 99 16.02 10.61 5.58
C ALA A 99 14.87 11.28 4.85
N VAL A 100 15.06 11.51 3.57
CA VAL A 100 14.05 12.09 2.70
C VAL A 100 13.73 11.09 1.60
N PHE A 101 12.45 10.98 1.26
CA PHE A 101 12.01 10.06 0.23
C PHE A 101 11.75 10.80 -1.07
N GLY A 102 11.99 10.11 -2.18
CA GLY A 102 11.73 10.69 -3.49
C GLY A 102 10.25 10.81 -3.78
N SER A 103 9.96 11.56 -4.84
CA SER A 103 8.56 11.82 -5.20
C SER A 103 7.82 10.55 -5.60
N GLY A 104 8.53 9.50 -5.98
CA GLY A 104 7.91 8.22 -6.26
C GLY A 104 7.66 8.01 -7.74
N THR A 105 7.71 6.75 -8.16
CA THR A 105 7.48 6.37 -9.54
C THR A 105 6.52 5.18 -9.58
N THR A 106 5.49 5.27 -10.41
CA THR A 106 4.59 4.16 -10.67
C THR A 106 5.03 3.47 -11.95
N LEU A 107 5.44 2.21 -11.83
CA LEU A 107 5.98 1.47 -12.96
C LEU A 107 4.89 0.66 -13.64
N THR A 108 4.78 0.81 -14.95
CA THR A 108 3.83 0.06 -15.76
C THR A 108 4.61 -0.97 -16.59
N VAL A 109 4.09 -2.19 -16.63
CA VAL A 109 4.70 -3.29 -17.39
C VAL A 109 3.78 -3.58 -18.56
N LEU A 110 4.22 -3.21 -19.76
CA LEU A 110 3.42 -3.39 -20.97
C LEU A 110 3.73 -4.75 -21.59
N GLY A 111 2.94 -5.10 -22.60
CA GLY A 111 3.10 -6.36 -23.28
C GLY A 111 2.58 -7.56 -22.54
N GLN A 112 1.83 -7.36 -21.45
CA GLN A 112 1.18 -8.46 -20.77
C GLN A 112 0.01 -8.98 -21.59
N PRO A 113 -0.40 -10.23 -21.37
CA PRO A 113 -1.51 -10.79 -22.16
C PRO A 113 -2.81 -10.06 -21.87
N LYS A 114 -3.42 -9.52 -22.93
CA LYS A 114 -4.75 -8.94 -22.79
C LYS A 114 -5.73 -9.99 -22.31
N ALA A 115 -6.74 -9.53 -21.57
CA ALA A 115 -7.73 -10.43 -20.99
C ALA A 115 -9.06 -9.70 -20.90
N ALA A 116 -10.09 -10.27 -21.52
CA ALA A 116 -11.42 -9.67 -21.42
C ALA A 116 -11.97 -9.84 -20.01
N PRO A 117 -12.72 -8.87 -19.50
CA PRO A 117 -13.22 -8.98 -18.12
C PRO A 117 -14.33 -10.00 -18.00
N SER A 118 -14.33 -10.72 -16.89
CA SER A 118 -15.50 -11.44 -16.42
C SER A 118 -16.30 -10.50 -15.54
N VAL A 119 -17.62 -10.57 -15.66
CA VAL A 119 -18.51 -9.67 -14.95
C VAL A 119 -19.53 -10.49 -14.18
N THR A 120 -19.65 -10.22 -12.88
CA THR A 120 -20.62 -10.86 -12.01
C THR A 120 -21.51 -9.79 -11.40
N LEU A 121 -22.82 -9.95 -11.56
CA LEU A 121 -23.78 -8.96 -11.06
C LEU A 121 -24.66 -9.65 -10.01
N PHE A 122 -24.46 -9.27 -8.76
CA PHE A 122 -25.31 -9.78 -7.70
C PHE A 122 -26.47 -8.81 -7.48
N PRO A 123 -27.72 -9.26 -7.53
CA PRO A 123 -28.83 -8.42 -7.08
C PRO A 123 -28.80 -8.28 -5.57
N PRO A 124 -29.63 -7.42 -5.00
CA PRO A 124 -29.66 -7.29 -3.54
C PRO A 124 -30.10 -8.60 -2.88
N SER A 125 -29.40 -8.97 -1.81
CA SER A 125 -29.75 -10.18 -1.08
C SER A 125 -31.12 -10.02 -0.43
N SER A 126 -31.80 -11.14 -0.22
CA SER A 126 -33.04 -11.13 0.55
C SER A 126 -32.82 -10.57 1.95
N GLU A 127 -31.64 -10.83 2.52
CA GLU A 127 -31.33 -10.33 3.85
C GLU A 127 -31.25 -8.80 3.87
N GLU A 128 -30.57 -8.23 2.87
CA GLU A 128 -30.48 -6.77 2.80
C GLU A 128 -31.83 -6.15 2.46
N LEU A 129 -32.59 -6.79 1.55
CA LEU A 129 -33.92 -6.28 1.22
C LEU A 129 -34.83 -6.30 2.45
N GLN A 130 -34.70 -7.33 3.28
CA GLN A 130 -35.48 -7.38 4.52
C GLN A 130 -34.97 -6.41 5.56
N ALA A 131 -33.76 -5.90 5.40
CA ALA A 131 -33.25 -4.81 6.23
C ALA A 131 -33.59 -3.45 5.64
N ASN A 132 -34.43 -3.40 4.61
CA ASN A 132 -34.92 -2.15 4.02
C ASN A 132 -33.83 -1.44 3.23
N LYS A 133 -32.97 -2.21 2.57
CA LYS A 133 -31.93 -1.68 1.71
C LYS A 133 -31.81 -2.56 0.47
N ALA A 134 -31.15 -2.01 -0.56
CA ALA A 134 -30.97 -2.74 -1.81
C ALA A 134 -29.71 -2.22 -2.48
N THR A 135 -28.70 -3.09 -2.58
CA THR A 135 -27.43 -2.76 -3.23
C THR A 135 -27.16 -3.78 -4.32
N LEU A 136 -27.05 -3.31 -5.56
CA LEU A 136 -26.58 -4.14 -6.67
C LEU A 136 -25.06 -4.05 -6.75
N VAL A 137 -24.41 -5.19 -6.88
CA VAL A 137 -22.96 -5.30 -6.79
C VAL A 137 -22.44 -5.90 -8.08
N CYS A 138 -21.72 -5.09 -8.86
CA CYS A 138 -21.13 -5.53 -10.11
C CYS A 138 -19.62 -5.71 -9.89
N LEU A 139 -19.16 -6.95 -10.01
CA LEU A 139 -17.77 -7.28 -9.81
C LEU A 139 -17.14 -7.64 -11.15
N ILE A 140 -15.98 -7.06 -11.43
CA ILE A 140 -15.28 -7.19 -12.70
C ILE A 140 -13.88 -7.73 -12.40
N SER A 141 -13.52 -8.83 -13.06
CA SER A 141 -12.33 -9.56 -12.68
C SER A 141 -11.58 -10.07 -13.91
N ASP A 142 -10.28 -10.31 -13.72
CA ASP A 142 -9.44 -11.01 -14.69
C ASP A 142 -9.41 -10.30 -16.04
N PHE A 143 -9.07 -9.02 -16.02
CA PHE A 143 -8.88 -8.27 -17.26
C PHE A 143 -7.54 -7.54 -17.25
N TYR A 144 -6.99 -7.34 -18.45
CA TYR A 144 -5.81 -6.54 -18.68
C TYR A 144 -5.98 -5.93 -20.07
N PRO A 145 -5.64 -4.65 -20.27
CA PRO A 145 -5.12 -3.70 -19.27
C PRO A 145 -6.17 -3.31 -18.24
N GLY A 146 -5.74 -2.62 -17.19
CA GLY A 146 -6.63 -2.27 -16.11
C GLY A 146 -7.40 -0.98 -16.37
N ALA A 147 -8.07 -0.91 -17.52
CA ALA A 147 -8.86 0.26 -17.90
C ALA A 147 -10.26 -0.19 -18.29
N VAL A 148 -11.25 0.19 -17.49
CA VAL A 148 -12.65 -0.09 -17.79
C VAL A 148 -13.49 1.13 -17.43
N THR A 149 -14.62 1.27 -18.11
CA THR A 149 -15.68 2.19 -17.71
C THR A 149 -16.91 1.36 -17.40
N VAL A 150 -17.62 1.74 -16.33
CA VAL A 150 -18.79 1.00 -15.87
C VAL A 150 -20.00 1.91 -15.93
N ALA A 151 -21.05 1.45 -16.60
CA ALA A 151 -22.32 2.15 -16.68
C ALA A 151 -23.43 1.26 -16.12
N TRP A 152 -24.40 1.89 -15.47
CA TRP A 152 -25.56 1.21 -14.94
C TRP A 152 -26.80 1.61 -15.74
N LYS A 153 -27.71 0.64 -15.93
CA LYS A 153 -28.94 0.87 -16.67
C LYS A 153 -30.11 0.39 -15.84
N ALA A 154 -31.24 1.09 -15.96
CA ALA A 154 -32.50 0.69 -15.35
C ALA A 154 -33.53 0.64 -16.48
N ASP A 155 -33.96 -0.57 -16.85
CA ASP A 155 -34.86 -0.77 -17.98
C ASP A 155 -34.26 -0.20 -19.27
N SER A 156 -32.94 -0.27 -19.40
CA SER A 156 -32.18 0.26 -20.52
C SER A 156 -32.08 1.78 -20.49
N SER A 157 -32.51 2.43 -19.40
CA SER A 157 -32.33 3.86 -19.23
C SER A 157 -31.11 4.12 -18.36
N PRO A 158 -30.20 5.01 -18.75
CA PRO A 158 -28.98 5.20 -17.94
C PRO A 158 -29.30 5.62 -16.52
N VAL A 159 -28.41 5.25 -15.60
CA VAL A 159 -28.51 5.62 -14.19
C VAL A 159 -27.17 6.18 -13.75
N LYS A 160 -27.20 7.38 -13.18
CA LYS A 160 -25.99 8.05 -12.70
C LYS A 160 -25.99 8.32 -11.20
N ALA A 161 -27.14 8.25 -10.54
CA ALA A 161 -27.24 8.53 -9.12
C ALA A 161 -27.12 7.25 -8.30
N GLY A 162 -26.57 7.38 -7.10
CA GLY A 162 -26.40 6.24 -6.22
C GLY A 162 -25.39 5.23 -6.71
N VAL A 163 -24.41 5.66 -7.50
CA VAL A 163 -23.41 4.78 -8.09
C VAL A 163 -22.04 5.11 -7.50
N GLU A 164 -21.27 4.06 -7.19
CA GLU A 164 -19.91 4.20 -6.71
C GLU A 164 -19.06 3.10 -7.34
N THR A 165 -17.90 3.47 -7.86
CA THR A 165 -17.02 2.54 -8.56
C THR A 165 -15.60 2.69 -8.05
N THR A 166 -14.90 1.57 -7.94
CA THR A 166 -13.51 1.55 -7.51
C THR A 166 -12.58 1.49 -8.71
N THR A 167 -11.43 2.14 -8.58
CA THR A 167 -10.41 2.10 -9.62
C THR A 167 -9.86 0.68 -9.73
N PRO A 168 -9.56 0.21 -10.94
CA PRO A 168 -9.00 -1.14 -11.07
C PRO A 168 -7.72 -1.31 -10.27
N SER A 169 -7.56 -2.50 -9.69
CA SER A 169 -6.36 -2.83 -8.94
C SER A 169 -6.00 -4.29 -9.20
N LYS A 170 -4.74 -4.63 -8.94
CA LYS A 170 -4.23 -5.94 -9.28
C LYS A 170 -4.81 -7.01 -8.36
N GLN A 171 -5.13 -8.16 -8.95
CA GLN A 171 -5.46 -9.35 -8.19
C GLN A 171 -4.17 -10.12 -7.89
N SER A 172 -4.30 -11.26 -7.23
CA SER A 172 -3.12 -12.05 -6.87
C SER A 172 -2.45 -12.69 -8.08
N ASN A 173 -3.14 -12.78 -9.22
CA ASN A 173 -2.59 -13.37 -10.43
C ASN A 173 -2.11 -12.32 -11.43
N ASN A 174 -1.91 -11.08 -10.98
CA ASN A 174 -1.39 -9.97 -11.77
C ASN A 174 -2.38 -9.46 -12.81
N LYS A 175 -3.62 -9.95 -12.79
CA LYS A 175 -4.70 -9.36 -13.57
C LYS A 175 -5.50 -8.41 -12.69
N TYR A 176 -6.31 -7.58 -13.32
CA TYR A 176 -6.99 -6.49 -12.64
C TYR A 176 -8.44 -6.84 -12.31
N ALA A 177 -8.96 -6.13 -11.30
CA ALA A 177 -10.35 -6.27 -10.90
C ALA A 177 -10.87 -4.89 -10.49
N ALA A 178 -12.18 -4.71 -10.65
CA ALA A 178 -12.84 -3.47 -10.25
C ALA A 178 -14.23 -3.81 -9.74
N SER A 179 -14.83 -2.88 -9.01
CA SER A 179 -16.15 -3.08 -8.43
C SER A 179 -16.97 -1.81 -8.59
N SER A 180 -18.29 -1.99 -8.69
CA SER A 180 -19.22 -0.88 -8.81
C SER A 180 -20.50 -1.24 -8.07
N TYR A 181 -21.11 -0.25 -7.43
CA TYR A 181 -22.31 -0.45 -6.62
C TYR A 181 -23.41 0.49 -7.09
N LEU A 182 -24.65 0.00 -7.01
CA LEU A 182 -25.84 0.82 -7.22
C LEU A 182 -26.71 0.69 -5.97
N SER A 183 -26.74 1.75 -5.16
CA SER A 183 -27.48 1.76 -3.91
C SER A 183 -28.88 2.32 -4.18
N LEU A 184 -29.89 1.47 -3.98
CA LEU A 184 -31.29 1.86 -4.18
C LEU A 184 -32.07 1.66 -2.89
N THR A 185 -33.30 2.15 -2.91
CA THR A 185 -34.29 1.79 -1.90
C THR A 185 -35.02 0.52 -2.35
N PRO A 186 -35.58 -0.25 -1.42
CA PRO A 186 -36.37 -1.41 -1.84
C PRO A 186 -37.48 -1.06 -2.81
N GLU A 187 -38.10 0.11 -2.65
CA GLU A 187 -39.19 0.50 -3.54
C GLU A 187 -38.66 0.78 -4.94
N GLN A 188 -37.53 1.48 -5.05
CA GLN A 188 -36.91 1.71 -6.35
C GLN A 188 -36.52 0.40 -7.01
N TRP A 189 -36.00 -0.55 -6.22
CA TRP A 189 -35.59 -1.84 -6.76
C TRP A 189 -36.73 -2.52 -7.50
N LYS A 190 -37.95 -2.47 -6.94
CA LYS A 190 -39.10 -3.08 -7.58
C LYS A 190 -39.72 -2.20 -8.65
N SER A 191 -39.38 -0.91 -8.69
CA SER A 191 -40.01 0.03 -9.62
C SER A 191 -39.50 -0.12 -11.05
N HIS A 192 -38.59 -1.06 -11.30
CA HIS A 192 -38.12 -1.34 -12.64
C HIS A 192 -38.19 -2.84 -12.90
N ARG A 193 -38.18 -3.21 -14.18
CA ARG A 193 -38.25 -4.61 -14.56
C ARG A 193 -36.89 -5.26 -14.69
N SER A 194 -35.82 -4.49 -14.85
CA SER A 194 -34.49 -5.05 -14.94
C SER A 194 -33.45 -3.96 -14.71
N TYR A 195 -32.27 -4.39 -14.26
CA TYR A 195 -31.11 -3.53 -14.10
C TYR A 195 -29.92 -4.19 -14.79
N SER A 196 -29.05 -3.39 -15.40
CA SER A 196 -27.89 -3.90 -16.11
C SER A 196 -26.62 -3.23 -15.60
N CYS A 197 -25.54 -3.99 -15.62
CA CYS A 197 -24.19 -3.48 -15.43
C CYS A 197 -23.44 -3.65 -16.75
N GLN A 198 -22.94 -2.55 -17.29
CA GLN A 198 -22.28 -2.54 -18.60
C GLN A 198 -20.80 -2.21 -18.41
N VAL A 199 -19.92 -3.12 -18.83
CA VAL A 199 -18.49 -2.98 -18.65
C VAL A 199 -17.85 -2.93 -20.03
N THR A 200 -17.24 -1.79 -20.37
CA THR A 200 -16.55 -1.61 -21.63
C THR A 200 -15.05 -1.81 -21.41
N HIS A 201 -14.42 -2.58 -22.29
CA HIS A 201 -13.01 -2.91 -22.15
C HIS A 201 -12.44 -3.20 -23.53
N GLU A 202 -11.65 -2.26 -24.06
CA GLU A 202 -10.89 -2.48 -25.28
C GLU A 202 -11.81 -2.87 -26.44
N GLY A 203 -12.73 -1.96 -26.77
CA GLY A 203 -13.64 -2.19 -27.87
C GLY A 203 -14.56 -3.38 -27.66
N SER A 204 -14.96 -3.64 -26.42
CA SER A 204 -15.86 -4.75 -26.12
C SER A 204 -16.65 -4.37 -24.88
N THR A 205 -17.95 -4.67 -24.90
CA THR A 205 -18.85 -4.34 -23.80
C THR A 205 -19.54 -5.61 -23.32
N VAL A 206 -19.34 -5.94 -22.05
CA VAL A 206 -20.01 -7.07 -21.41
C VAL A 206 -21.13 -6.52 -20.53
N GLU A 207 -22.35 -6.99 -20.75
CA GLU A 207 -23.51 -6.54 -20.01
C GLU A 207 -24.13 -7.71 -19.28
N LYS A 208 -24.30 -7.56 -17.96
CA LYS A 208 -25.02 -8.51 -17.13
C LYS A 208 -26.29 -7.85 -16.62
N THR A 209 -27.36 -8.63 -16.51
CA THR A 209 -28.67 -8.12 -16.16
C THR A 209 -29.29 -8.95 -15.06
N VAL A 210 -30.05 -8.27 -14.19
CA VAL A 210 -30.85 -8.90 -13.17
C VAL A 210 -32.24 -8.28 -13.22
N ALA A 211 -33.24 -9.05 -12.79
CA ALA A 211 -34.63 -8.60 -12.79
C ALA A 211 -35.23 -8.88 -11.42
N PRO A 212 -35.91 -7.91 -10.80
CA PRO A 212 -36.55 -8.18 -9.50
C PRO A 212 -37.59 -9.28 -9.58
N THR A 213 -38.08 -9.60 -10.77
CA THR A 213 -39.10 -10.63 -10.96
C THR A 213 -38.52 -12.03 -11.15
N GLU A 214 -37.22 -12.14 -11.42
CA GLU A 214 -36.56 -13.43 -11.57
C GLU A 214 -35.49 -13.58 -10.49
N CYS A 215 -35.41 -14.78 -9.92
CA CYS A 215 -34.38 -15.08 -8.95
C CYS A 215 -33.04 -15.24 -9.66
N SER A 216 -32.03 -14.52 -9.16
CA SER A 216 -30.72 -14.39 -9.83
C SER A 216 -30.42 -15.46 -10.86
N LEU B 4 7.80 -6.28 14.46
CA LEU B 4 7.33 -4.91 14.40
C LEU B 4 5.80 -4.89 14.25
N ARG B 5 5.11 -4.62 15.36
CA ARG B 5 3.66 -4.65 15.42
C ARG B 5 3.14 -3.25 15.75
N GLU B 6 2.54 -2.59 14.76
CA GLU B 6 1.92 -1.30 15.00
C GLU B 6 0.61 -1.50 15.76
N SER B 7 0.49 -0.83 16.91
CA SER B 7 -0.71 -0.89 17.72
C SER B 7 -1.13 0.53 18.08
N GLY B 8 -2.43 0.72 18.25
CA GLY B 8 -2.98 2.02 18.58
C GLY B 8 -4.29 2.27 17.89
N PRO B 9 -4.92 3.41 18.18
CA PRO B 9 -6.24 3.70 17.59
C PRO B 9 -6.15 3.86 16.09
N SER B 10 -7.18 3.38 15.39
CA SER B 10 -7.34 3.66 13.98
C SER B 10 -8.03 4.99 13.73
N LEU B 11 -8.58 5.61 14.78
CA LEU B 11 -9.29 6.87 14.67
C LEU B 11 -8.87 7.78 15.82
N VAL B 12 -8.49 9.00 15.50
CA VAL B 12 -8.12 10.01 16.48
C VAL B 12 -8.81 11.31 16.09
N LYS B 13 -9.36 12.00 17.08
CA LYS B 13 -10.13 13.19 16.77
C LYS B 13 -9.21 14.38 16.51
N PRO B 14 -9.65 15.35 15.71
CA PRO B 14 -8.81 16.51 15.42
C PRO B 14 -8.39 17.23 16.69
N SER B 15 -7.17 17.77 16.67
CA SER B 15 -6.61 18.53 17.78
C SER B 15 -6.02 17.61 18.85
N GLN B 16 -6.38 16.32 18.81
CA GLN B 16 -5.89 15.37 19.78
C GLN B 16 -4.47 14.93 19.42
N THR B 17 -3.83 14.24 20.37
CA THR B 17 -2.48 13.72 20.19
C THR B 17 -2.56 12.23 19.84
N LEU B 18 -2.21 11.89 18.60
CA LEU B 18 -2.08 10.48 18.24
C LEU B 18 -0.94 9.85 19.02
N SER B 19 -1.14 8.60 19.43
CA SER B 19 -0.14 7.87 20.21
C SER B 19 -0.16 6.41 19.76
N LEU B 20 0.99 5.93 19.28
CA LEU B 20 1.12 4.57 18.80
C LEU B 20 2.30 3.89 19.47
N THR B 21 2.35 2.57 19.35
CA THR B 21 3.44 1.77 19.91
C THR B 21 3.78 0.66 18.94
N CYS B 22 5.06 0.25 18.97
CA CYS B 22 5.57 -0.82 18.11
C CYS B 22 6.28 -1.84 18.98
N THR B 23 5.60 -2.96 19.24
CA THR B 23 6.21 -4.06 19.98
C THR B 23 7.09 -4.89 19.07
N THR B 24 8.16 -5.44 19.64
CA THR B 24 9.16 -6.14 18.85
C THR B 24 9.54 -7.47 19.49
N SER B 25 10.82 -7.83 19.44
CA SER B 25 11.31 -9.08 20.02
C SER B 25 10.91 -10.27 19.15
N THR B 33 17.75 -0.14 16.60
CA THR B 33 17.48 1.17 16.01
C THR B 33 16.14 1.14 15.28
N VAL B 34 15.14 1.81 15.85
CA VAL B 34 13.77 1.79 15.34
C VAL B 34 13.39 3.17 14.83
N GLY B 35 12.60 3.20 13.76
CA GLY B 35 12.13 4.45 13.19
C GLY B 35 10.66 4.37 12.83
N TRP B 36 10.13 5.52 12.43
CA TRP B 36 8.73 5.62 11.99
C TRP B 36 8.68 6.28 10.63
N VAL B 37 7.86 5.71 9.74
CA VAL B 37 7.57 6.28 8.44
C VAL B 37 6.07 6.26 8.25
N ARG B 38 5.55 7.22 7.48
CA ARG B 38 4.12 7.27 7.19
C ARG B 38 3.90 7.64 5.73
N GLN B 39 2.68 7.39 5.27
CA GLN B 39 2.29 7.74 3.90
C GLN B 39 0.83 8.15 3.91
N ALA B 40 0.56 9.39 3.53
CA ALA B 40 -0.81 9.84 3.35
C ALA B 40 -1.30 9.42 1.96
N PRO B 41 -2.62 9.32 1.78
CA PRO B 41 -3.16 8.91 0.48
C PRO B 41 -2.63 9.78 -0.65
N GLY B 42 -2.22 9.13 -1.74
CA GLY B 42 -1.70 9.85 -2.89
C GLY B 42 -0.53 10.74 -2.58
N LYS B 43 0.33 10.34 -1.64
CA LYS B 43 1.49 11.13 -1.26
C LYS B 43 2.69 10.21 -1.07
N ALA B 44 3.87 10.81 -1.10
CA ALA B 44 5.10 10.06 -0.94
C ALA B 44 5.32 9.68 0.52
N LEU B 45 6.18 8.67 0.72
CA LEU B 45 6.59 8.31 2.06
C LEU B 45 7.15 9.53 2.78
N GLU B 46 6.93 9.58 4.09
CA GLU B 46 7.35 10.72 4.90
C GLU B 46 8.03 10.20 6.15
N TRP B 47 9.34 10.44 6.26
CA TRP B 47 10.08 10.11 7.47
C TRP B 47 9.47 10.85 8.66
N LEU B 48 9.62 10.25 9.85
CA LEU B 48 9.09 10.86 11.07
C LEU B 48 10.19 10.99 12.13
N GLY B 49 10.93 9.91 12.37
CA GLY B 49 11.98 9.94 13.36
C GLY B 49 12.40 8.53 13.74
N SER B 50 13.42 8.47 14.59
CA SER B 50 13.96 7.20 15.06
C SER B 50 14.64 7.41 16.40
N ILE B 51 15.19 6.32 16.94
CA ILE B 51 15.81 6.33 18.26
C ILE B 51 16.57 5.02 18.43
N ASP B 52 17.86 5.10 18.77
CA ASP B 52 18.70 3.93 18.86
C ASP B 52 18.85 3.50 20.32
N THR B 53 19.76 2.54 20.57
CA THR B 53 19.90 1.99 21.91
C THR B 53 20.40 3.02 22.91
N SER B 54 21.16 4.01 22.44
CA SER B 54 21.67 5.06 23.33
C SER B 54 20.64 6.11 23.66
N GLY B 55 19.39 5.97 23.18
CA GLY B 55 18.33 6.89 23.48
C GLY B 55 18.29 8.14 22.63
N THR B 56 19.36 8.45 21.90
CA THR B 56 19.36 9.63 21.05
C THR B 56 18.22 9.57 20.05
N THR B 57 17.65 10.73 19.74
CA THR B 57 16.46 10.83 18.90
C THR B 57 16.69 11.79 17.76
N GLY B 58 16.07 11.48 16.63
CA GLY B 58 16.05 12.38 15.49
C GLY B 58 14.66 12.49 14.94
N TYR B 59 14.33 13.67 14.42
CA TYR B 59 12.98 13.97 13.98
C TYR B 59 13.01 14.72 12.66
N ASN B 60 12.03 14.44 11.82
CA ASN B 60 11.80 15.22 10.61
C ASN B 60 11.75 16.70 10.99
N PRO B 61 12.67 17.52 10.48
CA PRO B 61 12.73 18.92 10.95
C PRO B 61 11.39 19.64 10.90
N GLY B 62 10.60 19.44 9.85
CA GLY B 62 9.33 20.11 9.73
C GLY B 62 8.26 19.65 10.71
N LEU B 63 8.50 18.56 11.43
CA LEU B 63 7.52 17.99 12.33
C LEU B 63 8.01 17.87 13.77
N LYS B 64 9.29 18.11 14.04
CA LYS B 64 9.84 17.88 15.37
C LYS B 64 9.12 18.66 16.46
N SER B 65 8.33 19.68 16.10
CA SER B 65 7.58 20.41 17.11
C SER B 65 6.53 19.54 17.77
N ARG B 66 5.78 18.78 16.97
CA ARG B 66 4.72 17.93 17.47
C ARG B 66 5.14 16.49 17.69
N LEU B 67 6.31 16.09 17.19
CA LEU B 67 6.74 14.70 17.31
C LEU B 67 7.38 14.44 18.67
N SER B 68 7.17 13.22 19.15
CA SER B 68 7.78 12.77 20.41
C SER B 68 7.88 11.25 20.36
N ILE B 69 9.10 10.74 20.42
CA ILE B 69 9.37 9.31 20.32
C ILE B 69 10.12 8.86 21.57
N THR B 70 9.72 7.73 22.11
CA THR B 70 10.33 7.15 23.30
C THR B 70 10.65 5.68 23.03
N ARG B 71 11.15 4.99 24.05
CA ARG B 71 11.48 3.58 23.90
C ARG B 71 11.63 2.97 25.29
N ASP B 72 11.12 1.75 25.45
CA ASP B 72 11.29 0.96 26.66
C ASP B 72 12.06 -0.31 26.26
N ASP B 73 13.39 -0.25 26.36
CA ASP B 73 14.19 -1.44 26.12
C ASP B 73 13.70 -2.61 26.97
N SER B 74 13.11 -2.32 28.13
CA SER B 74 12.54 -3.34 28.98
C SER B 74 11.46 -4.11 28.24
N LYS B 75 10.34 -3.46 27.94
CA LYS B 75 9.23 -4.10 27.26
C LYS B 75 9.45 -4.25 25.75
N SER B 76 10.56 -3.74 25.23
CA SER B 76 10.84 -3.79 23.80
C SER B 76 9.72 -3.09 23.01
N GLN B 77 9.38 -1.89 23.44
CA GLN B 77 8.29 -1.12 22.87
C GLN B 77 8.77 0.29 22.55
N VAL B 78 8.66 0.69 21.29
CA VAL B 78 8.94 2.05 20.85
C VAL B 78 7.61 2.77 20.72
N SER B 79 7.61 4.07 21.03
CA SER B 79 6.38 4.86 21.06
C SER B 79 6.52 6.07 20.16
N LEU B 80 5.41 6.44 19.53
CA LEU B 80 5.31 7.67 18.75
C LEU B 80 4.16 8.50 19.30
N SER B 81 4.40 9.80 19.44
CA SER B 81 3.39 10.74 19.92
C SER B 81 3.39 11.96 19.01
N LEU B 82 2.27 12.16 18.30
CA LEU B 82 2.09 13.31 17.41
C LEU B 82 0.94 14.14 17.99
N SER B 83 1.27 15.33 18.49
CA SER B 83 0.29 16.19 19.15
C SER B 83 -0.44 17.05 18.12
N SER B 84 -1.58 17.59 18.55
CA SER B 84 -2.36 18.53 17.75
C SER B 84 -2.53 18.03 16.32
N VAL B 85 -3.03 16.80 16.18
CA VAL B 85 -3.14 16.20 14.87
C VAL B 85 -4.25 16.87 14.07
N THR B 86 -4.05 16.93 12.76
CA THR B 86 -5.03 17.44 11.81
C THR B 86 -5.32 16.36 10.77
N THR B 87 -6.28 16.65 9.89
CA THR B 87 -6.55 15.74 8.79
C THR B 87 -5.33 15.53 7.90
N ALA B 88 -4.34 16.42 8.00
CA ALA B 88 -3.09 16.24 7.26
C ALA B 88 -2.25 15.09 7.80
N ASP B 89 -2.57 14.58 8.99
CA ASP B 89 -1.86 13.44 9.57
C ASP B 89 -2.58 12.12 9.32
N LEU B 90 -3.71 12.14 8.61
CA LEU B 90 -4.29 10.90 8.11
C LEU B 90 -3.28 10.20 7.22
N ALA B 91 -2.92 8.97 7.59
CA ALA B 91 -1.88 8.26 6.86
C ALA B 91 -1.74 6.85 7.43
N THR B 92 -1.05 6.00 6.69
CA THR B 92 -0.59 4.72 7.18
C THR B 92 0.75 4.92 7.87
N TYR B 93 0.88 4.43 9.09
CA TYR B 93 2.07 4.63 9.90
C TYR B 93 2.84 3.32 10.00
N TYR B 94 4.10 3.35 9.56
CA TYR B 94 4.93 2.16 9.46
C TYR B 94 6.02 2.18 10.53
N CYS B 95 6.09 1.10 11.31
CA CYS B 95 7.23 0.86 12.18
C CYS B 95 8.34 0.22 11.36
N THR B 96 9.57 0.72 11.52
CA THR B 96 10.69 0.27 10.71
C THR B 96 11.90 -0.02 11.59
N THR B 97 12.88 -0.69 10.98
CA THR B 97 14.22 -0.84 11.55
C THR B 97 15.19 -0.13 10.61
N VAL B 98 16.15 0.59 11.20
CA VAL B 98 17.02 1.49 10.44
C VAL B 98 18.46 1.10 10.68
N ARG B 99 19.26 1.15 9.61
CA ARG B 99 20.71 1.01 9.68
C ARG B 99 21.34 2.33 9.26
N GLN B 100 22.17 2.90 10.13
CA GLN B 100 22.84 4.17 9.88
C GLN B 100 24.34 3.98 10.03
N GLN B 101 25.09 4.44 9.03
CA GLN B 101 26.55 4.30 9.06
C GLN B 101 27.16 5.46 8.30
N VAL B 102 27.81 6.37 9.03
CA VAL B 102 28.58 7.43 8.39
C VAL B 102 29.88 6.83 7.84
N HIS B 103 30.24 7.24 6.63
CA HIS B 103 31.43 6.74 5.96
C HIS B 103 32.37 7.91 5.70
N LYS B 104 33.65 7.71 6.02
CA LYS B 104 34.68 8.75 5.90
C LYS B 104 35.63 8.40 4.76
N THR B 105 35.96 9.41 3.95
CA THR B 105 36.89 9.22 2.85
C THR B 105 37.78 10.46 2.72
N CYS B 106 38.96 10.25 2.18
CA CYS B 106 39.89 11.35 1.91
C CYS B 106 39.88 11.70 0.42
N PRO B 107 40.23 12.94 0.07
CA PRO B 107 40.37 13.27 -1.35
C PRO B 107 41.31 12.32 -2.05
N GLN B 108 41.22 12.24 -3.38
CA GLN B 108 42.14 11.41 -4.15
C GLN B 108 43.58 11.74 -3.75
N GLY B 109 44.37 10.71 -3.50
CA GLY B 109 45.75 10.89 -3.09
C GLY B 109 45.88 11.01 -1.58
N TRP B 110 45.18 11.97 -0.99
CA TRP B 110 45.21 12.14 0.46
C TRP B 110 44.92 10.81 1.15
N ARG B 111 45.50 10.63 2.32
CA ARG B 111 45.41 9.37 3.05
C ARG B 111 45.09 9.63 4.51
N PHE B 112 44.40 8.67 5.12
CA PHE B 112 44.12 8.75 6.55
C PHE B 112 45.40 8.56 7.34
N GLY B 113 45.50 9.27 8.47
CA GLY B 113 46.66 9.12 9.32
C GLY B 113 46.93 7.68 9.71
N TRP B 114 45.87 6.93 10.01
CA TRP B 114 46.04 5.53 10.38
C TRP B 114 46.44 4.67 9.19
N ASP B 115 46.13 5.09 7.97
CA ASP B 115 46.59 4.37 6.79
C ASP B 115 48.04 4.68 6.46
N CYS B 116 48.55 5.83 6.90
CA CYS B 116 49.96 6.13 6.77
C CYS B 116 50.80 5.51 7.88
N GLY B 117 50.16 5.03 8.94
CA GLY B 117 50.85 4.41 10.06
C GLY B 117 50.84 5.23 11.33
N PHE B 118 50.17 6.38 11.35
CA PHE B 118 50.13 7.25 12.51
C PHE B 118 48.85 7.02 13.28
N HIS B 119 48.98 6.82 14.60
CA HIS B 119 47.84 6.56 15.45
C HIS B 119 47.77 7.51 16.64
N GLY B 120 48.52 8.61 16.61
CA GLY B 120 48.40 9.63 17.61
C GLY B 120 47.19 10.51 17.35
N TYR B 121 47.21 11.70 17.95
CA TYR B 121 46.12 12.64 17.77
C TYR B 121 46.09 13.13 16.34
N GLY B 122 44.91 13.12 15.73
CA GLY B 122 44.76 13.48 14.34
C GLY B 122 44.84 12.32 13.37
N SER B 123 44.91 11.08 13.87
CA SER B 123 45.04 9.94 12.98
C SER B 123 43.84 9.79 12.05
N ASP B 124 42.65 10.20 12.50
CA ASP B 124 41.44 10.04 11.70
C ASP B 124 41.26 11.16 10.67
N ASP B 125 42.17 12.13 10.61
CA ASP B 125 42.13 13.16 9.60
C ASP B 125 42.92 12.70 8.36
N CYS B 126 42.78 13.46 7.28
CA CYS B 126 43.42 13.15 6.02
C CYS B 126 44.71 13.95 5.86
N TYR B 127 45.72 13.33 5.26
CA TYR B 127 47.04 13.92 5.14
C TYR B 127 47.48 13.88 3.69
N GLU B 128 47.82 15.04 3.14
CA GLU B 128 48.37 15.10 1.79
C GLU B 128 49.75 14.45 1.73
N ASP B 129 50.58 14.68 2.74
CA ASP B 129 51.96 14.21 2.77
C ASP B 129 52.03 13.02 3.73
N CYS B 130 52.07 11.82 3.17
CA CYS B 130 52.10 10.60 3.95
C CYS B 130 53.51 10.33 4.46
N ILE B 131 53.61 9.88 5.71
CA ILE B 131 54.88 9.57 6.34
C ILE B 131 55.80 10.79 6.28
N ASP B 132 56.22 11.16 5.06
CA ASP B 132 57.08 12.32 4.83
C ASP B 132 56.73 13.48 5.74
N ILE B 133 57.36 13.53 6.92
CA ILE B 133 57.08 14.56 7.92
C ILE B 133 55.57 14.71 8.04
N LEU B 134 54.92 13.76 8.70
CA LEU B 134 53.47 13.74 8.74
C LEU B 134 52.88 15.04 9.28
N SER B 135 53.65 15.79 10.08
CA SER B 135 53.22 17.14 10.45
C SER B 135 53.08 17.97 9.19
N SER B 136 52.02 17.73 8.43
CA SER B 136 51.86 18.35 7.12
C SER B 136 50.45 18.94 7.06
N GLN B 137 49.99 19.21 5.84
CA GLN B 137 48.63 19.73 5.64
C GLN B 137 47.62 18.66 6.03
N THR B 138 46.64 19.03 6.85
CA THR B 138 45.65 18.10 7.36
C THR B 138 44.26 18.67 7.12
N LEU B 139 43.44 17.93 6.37
CA LEU B 139 42.05 18.28 6.12
C LEU B 139 41.15 17.23 6.72
N SER B 140 40.05 17.67 7.32
CA SER B 140 39.06 16.73 7.85
C SER B 140 38.55 15.83 6.73
N ALA B 141 38.29 14.58 7.07
CA ALA B 141 37.77 13.64 6.08
C ALA B 141 36.35 14.02 5.68
N GLU B 142 36.00 13.71 4.44
CA GLU B 142 34.67 14.00 3.94
C GLU B 142 33.68 12.95 4.44
N ASP B 143 32.50 13.42 4.86
CA ASP B 143 31.46 12.54 5.38
C ASP B 143 30.45 12.25 4.27
N THR B 144 30.09 10.98 4.14
CA THR B 144 28.99 10.54 3.28
C THR B 144 28.08 9.67 4.13
N TYR B 145 26.81 10.05 4.23
CA TYR B 145 25.87 9.44 5.15
C TYR B 145 25.05 8.37 4.44
N GLU B 146 24.93 7.21 5.07
CA GLU B 146 24.19 6.08 4.53
C GLU B 146 23.10 5.69 5.53
N LEU B 147 21.84 5.90 5.15
CA LEU B 147 20.71 5.51 5.98
C LEU B 147 19.68 4.83 5.10
N HIS B 148 19.15 3.70 5.57
CA HIS B 148 18.12 2.97 4.85
C HIS B 148 17.33 2.15 5.85
N VAL B 149 16.06 1.90 5.51
CA VAL B 149 15.21 1.07 6.35
C VAL B 149 15.51 -0.40 6.08
N ASP B 150 15.79 -1.14 7.14
CA ASP B 150 16.03 -2.57 7.00
C ASP B 150 14.71 -3.33 6.81
N ALA B 151 13.84 -3.28 7.81
CA ALA B 151 12.57 -3.99 7.78
C ALA B 151 11.42 -3.02 7.98
N TRP B 152 10.27 -3.39 7.44
CA TRP B 152 9.05 -2.58 7.52
C TRP B 152 7.97 -3.33 8.27
N GLY B 153 7.19 -2.61 9.07
CA GLY B 153 6.00 -3.18 9.67
C GLY B 153 4.85 -3.23 8.68
N GLN B 154 3.76 -3.88 9.10
CA GLN B 154 2.64 -4.06 8.20
C GLN B 154 1.93 -2.74 7.90
N GLY B 155 1.90 -1.83 8.87
CA GLY B 155 1.30 -0.53 8.65
C GLY B 155 -0.07 -0.39 9.28
N LEU B 156 -0.20 0.53 10.24
CA LEU B 156 -1.46 0.81 10.89
C LEU B 156 -2.08 2.07 10.28
N LEU B 157 -3.31 1.95 9.81
CA LEU B 157 -4.02 3.09 9.22
C LEU B 157 -4.62 3.94 10.33
N VAL B 158 -4.30 5.23 10.33
CA VAL B 158 -4.81 6.18 11.31
C VAL B 158 -5.67 7.19 10.56
N THR B 159 -6.96 7.20 10.84
CA THR B 159 -7.88 8.20 10.32
C THR B 159 -8.05 9.32 11.33
N VAL B 160 -8.05 10.55 10.86
CA VAL B 160 -8.26 11.73 11.69
C VAL B 160 -9.59 12.35 11.27
N SER B 161 -10.55 12.37 12.20
CA SER B 161 -11.91 12.80 11.89
C SER B 161 -12.70 12.90 13.17
N SER B 162 -13.71 13.77 13.16
CA SER B 162 -14.62 13.89 14.29
C SER B 162 -15.73 12.85 14.25
N ALA B 163 -15.97 12.24 13.09
CA ALA B 163 -17.05 11.27 12.96
C ALA B 163 -16.85 10.10 13.93
N SER B 164 -17.94 9.39 14.19
CA SER B 164 -17.97 8.33 15.18
C SER B 164 -17.81 6.96 14.54
N THR B 165 -17.11 6.07 15.24
CA THR B 165 -16.92 4.71 14.76
C THR B 165 -18.26 4.05 14.47
N LYS B 166 -18.28 3.21 13.43
CA LYS B 166 -19.45 2.41 13.10
C LYS B 166 -19.01 1.06 12.55
N GLY B 167 -19.55 -0.02 13.12
CA GLY B 167 -19.24 -1.35 12.67
C GLY B 167 -19.99 -1.71 11.41
N PRO B 168 -19.51 -2.72 10.69
CA PRO B 168 -20.09 -3.04 9.38
C PRO B 168 -21.27 -3.98 9.45
N SER B 169 -22.12 -3.87 8.42
CA SER B 169 -23.17 -4.84 8.15
C SER B 169 -22.74 -5.70 6.96
N VAL B 170 -22.74 -7.02 7.16
CA VAL B 170 -22.25 -7.96 6.17
C VAL B 170 -23.45 -8.69 5.56
N PHE B 171 -23.48 -8.74 4.23
CA PHE B 171 -24.54 -9.41 3.48
C PHE B 171 -23.93 -10.38 2.50
N PRO B 172 -24.61 -11.49 2.20
CA PRO B 172 -24.01 -12.51 1.33
C PRO B 172 -24.22 -12.17 -0.14
N LEU B 173 -23.21 -12.50 -0.95
CA LEU B 173 -23.29 -12.42 -2.40
C LEU B 173 -23.33 -13.86 -2.90
N ALA B 174 -24.54 -14.41 -2.99
CA ALA B 174 -24.69 -15.84 -3.23
C ALA B 174 -24.75 -16.15 -4.72
N PRO B 175 -24.16 -17.25 -5.16
CA PRO B 175 -24.29 -17.65 -6.56
C PRO B 175 -25.65 -18.26 -6.84
N SER B 176 -26.05 -18.17 -8.11
CA SER B 176 -27.33 -18.71 -8.56
C SER B 176 -27.10 -19.55 -9.81
N SER B 177 -28.18 -20.21 -10.25
CA SER B 177 -28.08 -21.14 -11.37
C SER B 177 -27.64 -20.46 -12.66
N LYS B 178 -27.84 -19.15 -12.79
CA LYS B 178 -27.51 -18.44 -14.01
C LYS B 178 -26.22 -17.62 -13.90
N SER B 179 -25.67 -17.47 -12.70
CA SER B 179 -24.45 -16.70 -12.50
C SER B 179 -23.20 -17.57 -12.48
N THR B 180 -23.34 -18.87 -12.76
CA THR B 180 -22.19 -19.77 -12.79
C THR B 180 -21.40 -19.58 -14.08
N SER B 181 -20.16 -20.07 -14.06
CA SER B 181 -19.30 -20.07 -15.24
C SER B 181 -18.83 -21.49 -15.52
N GLY B 182 -19.78 -22.37 -15.83
CA GLY B 182 -19.48 -23.77 -16.02
C GLY B 182 -18.89 -24.42 -14.79
N GLY B 183 -17.59 -24.75 -14.86
CA GLY B 183 -16.95 -25.42 -13.75
C GLY B 183 -16.70 -24.54 -12.54
N THR B 184 -16.79 -23.22 -12.70
CA THR B 184 -16.51 -22.28 -11.63
C THR B 184 -17.74 -21.45 -11.30
N ALA B 185 -17.70 -20.82 -10.13
CA ALA B 185 -18.79 -19.96 -9.67
C ALA B 185 -18.22 -18.94 -8.69
N ALA B 186 -18.84 -17.77 -8.65
CA ALA B 186 -18.40 -16.69 -7.77
C ALA B 186 -19.37 -16.55 -6.60
N LEU B 187 -18.82 -16.42 -5.40
CA LEU B 187 -19.58 -16.08 -4.20
C LEU B 187 -18.75 -15.09 -3.40
N GLY B 188 -19.43 -14.26 -2.62
CA GLY B 188 -18.73 -13.22 -1.91
C GLY B 188 -19.51 -12.71 -0.73
N CYS B 189 -19.03 -11.57 -0.21
CA CYS B 189 -19.64 -10.89 0.93
C CYS B 189 -19.58 -9.39 0.70
N LEU B 190 -20.69 -8.72 0.98
CA LEU B 190 -20.79 -7.27 0.89
C LEU B 190 -20.67 -6.69 2.29
N VAL B 191 -19.66 -5.86 2.51
CA VAL B 191 -19.38 -5.26 3.81
C VAL B 191 -19.78 -3.80 3.71
N LYS B 192 -20.90 -3.45 4.33
CA LYS B 192 -21.58 -2.19 4.07
C LYS B 192 -21.55 -1.28 5.29
N ASP B 193 -21.31 0.01 5.03
CA ASP B 193 -21.53 1.09 5.98
C ASP B 193 -20.74 0.87 7.27
N TYR B 194 -19.43 1.10 7.17
CA TYR B 194 -18.55 1.08 8.32
C TYR B 194 -17.70 2.35 8.34
N PHE B 195 -17.10 2.61 9.51
CA PHE B 195 -16.19 3.74 9.66
C PHE B 195 -15.38 3.59 10.93
N PRO B 196 -14.07 3.88 10.91
CA PRO B 196 -13.27 4.23 9.74
C PRO B 196 -12.76 2.97 9.04
N GLU B 197 -11.94 3.17 8.01
CA GLU B 197 -11.13 2.08 7.49
C GLU B 197 -10.13 1.66 8.56
N PRO B 198 -9.54 0.45 8.44
CA PRO B 198 -9.75 -0.55 7.41
C PRO B 198 -10.65 -1.69 7.85
N VAL B 199 -11.17 -2.45 6.89
CA VAL B 199 -11.78 -3.75 7.14
C VAL B 199 -10.91 -4.80 6.47
N THR B 200 -10.58 -5.84 7.23
CA THR B 200 -9.89 -7.01 6.68
C THR B 200 -10.89 -8.13 6.49
N VAL B 201 -10.75 -8.87 5.39
CA VAL B 201 -11.61 -10.00 5.10
C VAL B 201 -10.75 -11.21 4.81
N SER B 202 -11.10 -12.34 5.42
CA SER B 202 -10.52 -13.63 5.08
C SER B 202 -11.67 -14.56 4.72
N TRP B 203 -11.33 -15.76 4.28
CA TRP B 203 -12.33 -16.76 3.93
C TRP B 203 -12.00 -18.08 4.63
N ASN B 204 -12.99 -18.63 5.32
CA ASN B 204 -12.81 -19.86 6.09
C ASN B 204 -11.63 -19.73 7.05
N SER B 205 -11.58 -18.57 7.72
CA SER B 205 -10.61 -18.32 8.79
C SER B 205 -9.17 -18.40 8.29
N GLY B 206 -8.96 -18.14 7.01
CA GLY B 206 -7.64 -18.13 6.42
C GLY B 206 -7.26 -19.39 5.67
N ALA B 207 -8.11 -20.42 5.71
CA ALA B 207 -7.81 -21.65 5.00
C ALA B 207 -8.07 -21.50 3.50
N LEU B 208 -9.00 -20.64 3.11
CA LEU B 208 -9.35 -20.44 1.71
C LEU B 208 -8.69 -19.16 1.22
N THR B 209 -7.63 -19.32 0.42
CA THR B 209 -6.84 -18.19 -0.06
C THR B 209 -6.76 -18.09 -1.58
N SER B 210 -7.10 -19.16 -2.30
CA SER B 210 -7.02 -19.16 -3.75
C SER B 210 -8.32 -18.68 -4.37
N GLY B 211 -8.21 -17.92 -5.46
CA GLY B 211 -9.35 -17.31 -6.08
C GLY B 211 -10.01 -16.20 -5.29
N VAL B 212 -9.44 -15.82 -4.15
CA VAL B 212 -9.98 -14.76 -3.30
C VAL B 212 -9.46 -13.42 -3.78
N HIS B 213 -10.35 -12.44 -3.86
CA HIS B 213 -9.96 -11.05 -4.08
C HIS B 213 -10.84 -10.16 -3.22
N THR B 214 -10.22 -9.34 -2.39
CA THR B 214 -10.90 -8.34 -1.60
C THR B 214 -10.69 -6.98 -2.24
N PHE B 215 -11.78 -6.28 -2.52
CA PHE B 215 -11.71 -5.04 -3.27
C PHE B 215 -11.43 -3.86 -2.37
N PRO B 216 -10.85 -2.79 -2.91
CA PRO B 216 -10.78 -1.53 -2.16
C PRO B 216 -12.19 -1.02 -1.86
N ALA B 217 -12.30 -0.22 -0.80
CA ALA B 217 -13.61 0.25 -0.38
C ALA B 217 -14.02 1.48 -1.17
N VAL B 218 -15.33 1.69 -1.26
CA VAL B 218 -15.90 2.92 -1.76
C VAL B 218 -16.31 3.77 -0.56
N LEU B 219 -16.37 5.08 -0.76
CA LEU B 219 -16.84 6.01 0.25
C LEU B 219 -18.15 6.61 -0.24
N GLN B 220 -19.22 6.37 0.52
CA GLN B 220 -20.55 6.81 0.11
C GLN B 220 -20.78 8.26 0.54
N SER B 221 -21.82 8.86 -0.06
CA SER B 221 -22.21 10.21 0.33
C SER B 221 -22.59 10.29 1.80
N SER B 222 -22.88 9.16 2.43
CA SER B 222 -23.23 9.12 3.85
C SER B 222 -22.01 9.26 4.76
N GLY B 223 -20.81 9.37 4.21
CA GLY B 223 -19.60 9.39 5.01
C GLY B 223 -19.11 8.02 5.43
N LEU B 224 -19.82 6.95 5.07
CA LEU B 224 -19.49 5.59 5.46
C LEU B 224 -18.84 4.83 4.31
N TYR B 225 -18.12 3.78 4.67
CA TYR B 225 -17.40 2.96 3.70
C TYR B 225 -18.15 1.66 3.40
N SER B 226 -17.78 1.04 2.29
CA SER B 226 -18.30 -0.26 1.92
C SER B 226 -17.32 -0.92 0.96
N LEU B 227 -17.20 -2.24 1.08
CA LEU B 227 -16.37 -3.00 0.15
C LEU B 227 -17.00 -4.37 -0.06
N SER B 228 -16.38 -5.16 -0.92
CA SER B 228 -16.83 -6.52 -1.21
C SER B 228 -15.63 -7.43 -1.32
N SER B 229 -15.83 -8.70 -0.96
CA SER B 229 -14.82 -9.74 -1.13
C SER B 229 -15.47 -10.90 -1.88
N VAL B 230 -14.73 -11.48 -2.82
CA VAL B 230 -15.26 -12.53 -3.68
C VAL B 230 -14.25 -13.65 -3.79
N VAL B 231 -14.76 -14.86 -4.03
CA VAL B 231 -13.91 -16.03 -4.26
C VAL B 231 -14.53 -16.86 -5.38
N THR B 232 -13.70 -17.30 -6.30
CA THR B 232 -14.14 -18.20 -7.38
C THR B 232 -13.89 -19.64 -6.92
N VAL B 233 -14.96 -20.42 -6.83
CA VAL B 233 -14.90 -21.77 -6.29
C VAL B 233 -15.42 -22.73 -7.34
N PRO B 234 -15.19 -24.04 -7.19
CA PRO B 234 -15.81 -25.01 -8.11
C PRO B 234 -17.33 -24.98 -7.98
N SER B 235 -17.99 -25.08 -9.14
CA SER B 235 -19.45 -25.12 -9.16
C SER B 235 -19.98 -26.40 -8.54
N SER B 236 -19.32 -27.53 -8.81
CA SER B 236 -19.85 -28.83 -8.41
C SER B 236 -19.98 -28.93 -6.89
N SER B 237 -19.03 -28.35 -6.15
CA SER B 237 -19.00 -28.51 -4.71
C SER B 237 -19.98 -27.61 -3.96
N LEU B 238 -20.74 -26.78 -4.67
CA LEU B 238 -21.51 -25.73 -4.00
C LEU B 238 -22.61 -26.29 -3.10
N GLY B 239 -23.25 -27.39 -3.51
CA GLY B 239 -24.38 -27.91 -2.75
C GLY B 239 -24.03 -28.36 -1.35
N THR B 240 -22.76 -28.69 -1.10
CA THR B 240 -22.36 -29.20 0.20
C THR B 240 -21.17 -28.47 0.83
N GLN B 241 -20.41 -27.70 0.05
CA GLN B 241 -19.25 -27.03 0.62
C GLN B 241 -19.68 -25.82 1.44
N THR B 242 -18.92 -25.53 2.49
CA THR B 242 -19.22 -24.45 3.41
C THR B 242 -18.21 -23.32 3.19
N TYR B 243 -18.73 -22.14 2.87
CA TYR B 243 -17.91 -20.96 2.64
C TYR B 243 -18.32 -19.86 3.61
N ILE B 244 -17.35 -19.34 4.36
CA ILE B 244 -17.58 -18.31 5.36
C ILE B 244 -16.57 -17.19 5.14
N CYS B 245 -17.06 -15.96 5.06
CA CYS B 245 -16.21 -14.78 4.99
C CYS B 245 -16.05 -14.23 6.39
N ASN B 246 -14.81 -13.93 6.78
CA ASN B 246 -14.49 -13.44 8.12
C ASN B 246 -14.15 -11.96 8.01
N VAL B 247 -15.10 -11.11 8.44
CA VAL B 247 -14.93 -9.66 8.41
C VAL B 247 -14.43 -9.21 9.77
N ASN B 248 -13.34 -8.45 9.77
CA ASN B 248 -12.76 -7.91 10.99
C ASN B 248 -12.66 -6.40 10.85
N HIS B 249 -13.15 -5.68 11.86
CA HIS B 249 -13.14 -4.20 11.90
C HIS B 249 -12.61 -3.79 13.26
N LYS B 250 -11.27 -3.75 13.39
CA LYS B 250 -10.66 -3.43 14.66
C LYS B 250 -11.10 -2.08 15.24
N PRO B 251 -11.39 -1.04 14.44
CA PRO B 251 -11.81 0.23 15.05
C PRO B 251 -13.04 0.11 15.95
N SER B 252 -13.97 -0.78 15.61
CA SER B 252 -15.11 -1.07 16.48
C SER B 252 -14.95 -2.37 17.24
N ASN B 253 -13.81 -3.04 17.11
CA ASN B 253 -13.57 -4.34 17.74
C ASN B 253 -14.68 -5.32 17.38
N THR B 254 -15.07 -5.31 16.10
CA THR B 254 -16.15 -6.13 15.58
C THR B 254 -15.57 -7.18 14.64
N LYS B 255 -15.92 -8.44 14.88
CA LYS B 255 -15.60 -9.54 13.99
C LYS B 255 -16.92 -10.22 13.60
N VAL B 256 -17.11 -10.39 12.29
CA VAL B 256 -18.35 -10.96 11.76
C VAL B 256 -17.99 -12.08 10.79
N ASP B 257 -18.46 -13.29 11.09
CA ASP B 257 -18.36 -14.43 10.19
C ASP B 257 -19.73 -14.70 9.59
N LYS B 258 -19.79 -14.76 8.26
CA LYS B 258 -21.05 -14.94 7.55
C LYS B 258 -20.91 -16.10 6.58
N LYS B 259 -21.76 -17.11 6.74
CA LYS B 259 -21.80 -18.22 5.80
C LYS B 259 -22.56 -17.80 4.55
N VAL B 260 -21.99 -18.10 3.39
CA VAL B 260 -22.58 -17.75 2.10
C VAL B 260 -23.09 -19.04 1.46
N GLU B 261 -24.40 -19.17 1.37
CA GLU B 261 -25.04 -20.32 0.75
C GLU B 261 -25.47 -19.98 -0.67
N PRO B 262 -25.47 -20.95 -1.58
CA PRO B 262 -25.97 -20.68 -2.93
C PRO B 262 -27.48 -20.57 -2.95
N LYS B 263 -27.97 -19.70 -3.83
CA LYS B 263 -29.41 -19.51 -3.97
C LYS B 263 -30.06 -20.78 -4.48
N SER B 264 -31.31 -21.00 -4.06
CA SER B 264 -32.08 -22.17 -4.46
C SER B 264 -32.82 -21.92 -5.77
N CYS B 265 -32.10 -21.39 -6.76
CA CYS B 265 -32.70 -21.09 -8.06
C CYS B 265 -31.63 -21.02 -9.14
C1 GOL C . -10.54 -12.92 -8.49
O1 GOL C . -11.80 -13.09 -7.91
C2 GOL C . -9.80 -14.26 -8.31
O2 GOL C . -10.62 -15.33 -8.60
C3 GOL C . -8.57 -14.17 -9.26
O3 GOL C . -7.46 -14.60 -8.53
H11 GOL C . -10.03 -12.21 -8.08
H12 GOL C . -10.59 -12.71 -9.44
HO1 GOL C . -11.89 -13.93 -7.75
H2 GOL C . -9.50 -14.37 -7.40
H31 GOL C . -8.49 -13.26 -9.59
H32 GOL C . -8.76 -14.70 -10.06
HO3 GOL C . -6.75 -14.40 -8.99
C1 GOL D . -22.30 -4.92 14.39
O1 GOL D . -22.89 -5.07 15.66
C2 GOL D . -23.30 -4.15 13.52
O2 GOL D . -24.51 -4.79 13.42
C3 GOL D . -23.42 -2.75 14.18
O3 GOL D . -24.28 -2.00 13.37
H11 GOL D . -22.10 -5.78 13.98
H12 GOL D . -21.46 -4.45 14.43
HO1 GOL D . -22.26 -5.26 16.21
H2 GOL D . -22.97 -4.06 12.60
HO2 GOL D . -24.59 -5.28 14.11
H31 GOL D . -22.53 -2.37 14.25
H32 GOL D . -23.72 -2.87 15.08
HO3 GOL D . -24.44 -1.28 13.79
S SO4 E . -14.04 15.17 9.93
O1 SO4 E . -13.45 15.96 11.00
O2 SO4 E . -14.73 16.04 8.99
O3 SO4 E . -12.97 14.44 9.24
O4 SO4 E . -14.99 14.22 10.50
S SO4 F . -12.63 11.30 5.96
O1 SO4 F . -11.68 11.98 6.84
O2 SO4 F . -12.11 11.30 4.59
O3 SO4 F . -12.80 9.91 6.40
O4 SO4 F . -13.92 11.98 6.00
S SO4 G . -9.11 6.65 2.97
O1 SO4 G . -8.98 8.10 2.85
O2 SO4 G . -8.23 6.01 1.98
O3 SO4 G . -8.72 6.24 4.30
O4 SO4 G . -10.49 6.27 2.72
#